data_7N55
#
_entry.id   7N55
#
_cell.length_a   89.635
_cell.length_b   89.635
_cell.length_c   133.761
_cell.angle_alpha   90.000
_cell.angle_beta   90.000
_cell.angle_gamma   90.000
#
_symmetry.space_group_name_H-M   'I 4 2 2'
#
loop_
_entity.id
_entity.type
_entity.pdbx_description
1 polymer 'Polymerase acidic protein'
2 non-polymer 'MANGANESE (II) ION'
3 non-polymer 'SULFATE ION'
4 non-polymer 'Hexa Vinylpyrrolidone K15'
5 non-polymer 5-hydroxy-N-[2-(2-methoxypyridin-4-yl)ethyl]-2-(2-methylphenyl)-6-oxo-1,6-dihydropyrimidine-4-carboxamide
6 water water
#
_entity_poly.entity_id   1
_entity_poly.type   'polypeptide(L)'
_entity_poly.pdbx_seq_one_letter_code
;MGSSHHHHHHSSGLVPRGSHMEDFVRQCFNPMIVELAEKAMKEYGEDPKIETNKFAATCTHLEVCFMYSDGGSKHRFEII
EGRDRIMAWTVVNSICNTTGVEKPKFLPDLYDYKENRFIEIGVTRREVHIYYLEKANKIKSEKTHIHIFSFTGEEMATKA
DYTLDEESRARIKTRLFTIRQEMASRSLWDSFRQSER
;
_entity_poly.pdbx_strand_id   A
#
loop_
_chem_comp.id
_chem_comp.type
_chem_comp.name
_chem_comp.formula
09Y non-polymer 5-hydroxy-N-[2-(2-methoxypyridin-4-yl)ethyl]-2-(2-methylphenyl)-6-oxo-1,6-dihydropyrimidine-4-carboxamide 'C20 H20 N4 O4'
MN non-polymer 'MANGANESE (II) ION' 'Mn 2'
QQ4 non-polymer 'Hexa Vinylpyrrolidone K15' 'C36 H56 N6 O6'
SO4 non-polymer 'SULFATE ION' 'O4 S -2'
#
# COMPACT_ATOMS: atom_id res chain seq x y z
N ARG A 17 24.49 -0.24 9.70
CA ARG A 17 24.01 -0.95 10.88
C ARG A 17 24.32 -2.44 10.80
N GLY A 18 23.41 -3.20 10.21
CA GLY A 18 23.59 -4.63 10.08
C GLY A 18 22.51 -5.44 10.80
N SER A 19 21.27 -5.28 10.35
CA SER A 19 20.14 -5.95 10.98
C SER A 19 19.68 -7.13 10.14
N HIS A 20 19.06 -8.11 10.82
CA HIS A 20 18.49 -9.25 10.12
C HIS A 20 17.27 -8.86 9.29
N MET A 21 16.50 -7.88 9.77
CA MET A 21 15.30 -7.46 9.05
C MET A 21 15.67 -6.85 7.70
N GLU A 22 16.75 -6.09 7.64
CA GLU A 22 17.15 -5.45 6.39
C GLU A 22 17.52 -6.50 5.33
N ASP A 23 18.36 -7.46 5.70
CA ASP A 23 18.75 -8.50 4.74
C ASP A 23 17.55 -9.35 4.33
N PHE A 24 16.55 -9.49 5.21
CA PHE A 24 15.35 -10.24 4.84
C PHE A 24 14.52 -9.48 3.81
N VAL A 25 14.45 -8.15 3.95
CA VAL A 25 13.66 -7.35 3.02
C VAL A 25 14.27 -7.41 1.62
N ARG A 26 15.60 -7.29 1.51
CA ARG A 26 16.24 -7.37 0.21
C ARG A 26 16.11 -8.76 -0.41
N GLN A 27 15.95 -9.78 0.43
CA GLN A 27 15.81 -11.15 -0.06
C GLN A 27 14.36 -11.53 -0.34
N CYS A 28 13.41 -10.92 0.38
CA CYS A 28 12.00 -11.28 0.24
C CYS A 28 11.30 -10.51 -0.88
N PHE A 29 11.67 -9.26 -1.11
CA PHE A 29 10.96 -8.41 -2.06
C PHE A 29 11.75 -8.25 -3.34
N ASN A 30 11.05 -7.80 -4.39
CA ASN A 30 11.66 -7.62 -5.69
C ASN A 30 12.65 -6.46 -5.66
N PRO A 31 13.78 -6.56 -6.37
CA PRO A 31 14.78 -5.48 -6.34
C PRO A 31 14.23 -4.09 -6.62
N MET A 32 13.37 -3.95 -7.63
CA MET A 32 12.80 -2.64 -7.92
C MET A 32 11.87 -2.17 -6.80
N ILE A 33 11.17 -3.10 -6.15
CA ILE A 33 10.34 -2.74 -5.00
C ILE A 33 11.22 -2.16 -3.89
N VAL A 34 12.37 -2.78 -3.63
CA VAL A 34 13.26 -2.29 -2.60
C VAL A 34 13.80 -0.91 -2.95
N GLU A 35 14.15 -0.70 -4.23
CA GLU A 35 14.67 0.59 -4.65
C GLU A 35 13.63 1.69 -4.56
N LEU A 36 12.37 1.37 -4.90
CA LEU A 36 11.31 2.38 -4.84
C LEU A 36 10.99 2.75 -3.41
N ALA A 37 11.02 1.77 -2.50
CA ALA A 37 10.77 2.06 -1.09
C ALA A 37 11.93 2.84 -0.47
N GLU A 38 13.16 2.57 -0.91
CA GLU A 38 14.31 3.32 -0.41
C GLU A 38 14.23 4.78 -0.83
N LYS A 39 13.83 5.03 -2.07
CA LYS A 39 13.68 6.41 -2.54
C LYS A 39 12.55 7.11 -1.80
N ALA A 40 11.45 6.42 -1.55
CA ALA A 40 10.32 7.03 -0.84
C ALA A 40 10.70 7.36 0.60
N MET A 41 11.42 6.46 1.27
CA MET A 41 11.82 6.70 2.65
C MET A 41 12.82 7.84 2.74
N LYS A 42 13.80 7.88 1.83
CA LYS A 42 14.80 8.94 1.86
C LYS A 42 14.17 10.29 1.51
N GLU A 43 13.20 10.29 0.60
CA GLU A 43 12.54 11.55 0.24
C GLU A 43 11.81 12.15 1.43
N TYR A 44 11.35 11.33 2.36
CA TYR A 44 10.66 11.79 3.56
C TYR A 44 11.55 11.77 4.80
N GLY A 45 12.86 11.78 4.60
CA GLY A 45 13.81 11.84 5.71
C GLY A 45 13.83 10.61 6.59
N GLU A 46 13.82 9.42 5.99
CA GLU A 46 13.87 8.17 6.73
C GLU A 46 14.99 7.29 6.19
N ASP A 47 15.58 6.49 7.08
CA ASP A 47 16.69 5.63 6.74
C ASP A 47 16.26 4.17 6.80
N PRO A 48 16.27 3.44 5.69
CA PRO A 48 15.94 2.00 5.74
C PRO A 48 16.96 1.19 6.51
N LYS A 49 18.17 1.71 6.71
CA LYS A 49 19.18 1.00 7.48
C LYS A 49 18.81 0.93 8.96
N ILE A 50 18.11 1.94 9.47
CA ILE A 50 17.73 2.00 10.88
C ILE A 50 16.25 1.73 11.06
N GLU A 51 15.39 2.31 10.23
CA GLU A 51 13.96 2.06 10.29
C GLU A 51 13.59 0.81 9.49
N THR A 52 14.16 -0.31 9.93
CA THR A 52 14.03 -1.55 9.17
C THR A 52 12.61 -2.10 9.20
N ASN A 53 11.90 -1.90 10.31
CA ASN A 53 10.50 -2.33 10.37
C ASN A 53 9.64 -1.51 9.41
N LYS A 54 9.85 -0.20 9.38
CA LYS A 54 9.16 0.64 8.40
C LYS A 54 9.62 0.33 6.99
N PHE A 55 10.87 -0.10 6.83
CA PHE A 55 11.36 -0.52 5.51
C PHE A 55 10.57 -1.71 4.98
N ALA A 56 10.27 -2.67 5.85
CA ALA A 56 9.49 -3.83 5.44
C ALA A 56 8.03 -3.45 5.17
N ALA A 57 7.53 -2.41 5.84
CA ALA A 57 6.14 -2.00 5.64
C ALA A 57 5.96 -1.26 4.32
N THR A 58 6.89 -0.37 3.97
CA THR A 58 6.79 0.34 2.71
C THR A 58 6.91 -0.61 1.52
N CYS A 59 7.79 -1.61 1.63
CA CYS A 59 7.93 -2.61 0.58
C CYS A 59 6.65 -3.42 0.43
N THR A 60 6.09 -3.88 1.56
CA THR A 60 4.85 -4.64 1.51
C THR A 60 3.71 -3.83 0.92
N HIS A 61 3.58 -2.57 1.35
CA HIS A 61 2.53 -1.70 0.81
C HIS A 61 2.72 -1.46 -0.68
N LEU A 62 3.98 -1.34 -1.12
CA LEU A 62 4.24 -1.12 -2.54
C LEU A 62 3.85 -2.32 -3.38
N GLU A 63 4.20 -3.54 -2.91
CA GLU A 63 3.86 -4.73 -3.66
C GLU A 63 2.34 -4.94 -3.72
N VAL A 64 1.64 -4.67 -2.61
CA VAL A 64 0.19 -4.81 -2.61
C VAL A 64 -0.43 -3.82 -3.59
N CYS A 65 0.09 -2.59 -3.64
CA CYS A 65 -0.41 -1.61 -4.59
C CYS A 65 -0.21 -2.07 -6.02
N PHE A 66 0.94 -2.68 -6.32
CA PHE A 66 1.23 -3.12 -7.68
C PHE A 66 0.45 -4.38 -8.04
N MET A 67 0.27 -5.28 -7.06
CA MET A 67 -0.59 -6.44 -7.29
C MET A 67 -2.03 -6.02 -7.48
N TYR A 68 -2.47 -4.97 -6.78
CA TYR A 68 -3.83 -4.47 -6.92
C TYR A 68 -4.07 -3.95 -8.33
N SER A 69 -3.14 -3.17 -8.86
CA SER A 69 -3.28 -2.66 -10.22
C SER A 69 -3.18 -3.78 -11.26
N ASP A 70 -2.50 -4.87 -10.92
CA ASP A 70 -2.41 -6.00 -11.84
C ASP A 70 -3.75 -6.69 -12.04
N GLY A 71 -4.69 -6.52 -11.11
CA GLY A 71 -6.03 -7.07 -11.27
C GLY A 71 -6.92 -6.11 -12.06
N GLY A 72 -7.75 -6.69 -12.91
CA GLY A 72 -8.65 -5.91 -13.74
C GLY A 72 -8.18 -5.82 -15.18
N SER A 73 -8.65 -4.76 -15.84
CA SER A 73 -8.33 -4.54 -17.25
C SER A 73 -6.96 -3.89 -17.39
N LYS A 74 -6.57 -3.61 -18.64
CA LYS A 74 -5.24 -3.08 -18.91
C LYS A 74 -5.15 -1.59 -18.59
N HIS A 75 -6.19 -0.83 -18.90
CA HIS A 75 -6.20 0.62 -18.69
C HIS A 75 -7.10 1.02 -17.53
N ARG A 76 -7.34 0.10 -16.58
CA ARG A 76 -8.30 0.37 -15.51
C ARG A 76 -7.72 1.32 -14.48
N PHE A 77 -6.50 1.06 -14.03
CA PHE A 77 -5.91 1.78 -12.92
C PHE A 77 -4.76 2.66 -13.37
N GLU A 78 -4.62 3.81 -12.71
CA GLU A 78 -3.47 4.70 -12.85
C GLU A 78 -2.70 4.69 -11.55
N ILE A 79 -1.48 4.18 -11.59
CA ILE A 79 -0.69 3.96 -10.37
C ILE A 79 -0.11 5.29 -9.91
N ILE A 80 -0.48 5.70 -8.70
CA ILE A 80 0.05 6.91 -8.08
C ILE A 80 1.18 6.60 -7.12
N GLU A 81 1.03 5.56 -6.31
CA GLU A 81 2.07 5.16 -5.39
C GLU A 81 3.28 4.62 -6.16
N GLY A 82 4.47 4.97 -5.71
CA GLY A 82 5.71 4.60 -6.36
C GLY A 82 6.39 5.74 -7.08
N ARG A 83 5.66 6.80 -7.40
CA ARG A 83 6.24 7.99 -8.01
C ARG A 83 6.73 8.94 -6.93
N ASP A 84 7.65 9.83 -7.33
CA ASP A 84 8.08 10.87 -6.41
C ASP A 84 6.95 11.86 -6.18
N ARG A 85 7.08 12.64 -5.10
CA ARG A 85 5.95 13.44 -4.62
C ARG A 85 5.47 14.45 -5.67
N ILE A 86 6.41 15.04 -6.42
CA ILE A 86 6.03 16.08 -7.37
C ILE A 86 5.29 15.48 -8.56
N MET A 87 5.83 14.39 -9.12
CA MET A 87 5.18 13.78 -10.29
C MET A 87 3.89 13.09 -9.90
N ALA A 88 3.83 12.48 -8.71
CA ALA A 88 2.60 11.85 -8.26
C ALA A 88 1.46 12.86 -8.16
N TRP A 89 1.76 14.07 -7.65
CA TRP A 89 0.76 15.12 -7.59
C TRP A 89 0.42 15.64 -8.98
N THR A 90 1.37 15.57 -9.92
CA THR A 90 1.09 16.00 -11.28
C THR A 90 0.06 15.09 -11.94
N VAL A 91 0.18 13.77 -11.72
CA VAL A 91 -0.82 12.85 -12.26
C VAL A 91 -2.18 13.08 -11.63
N VAL A 92 -2.21 13.36 -10.32
CA VAL A 92 -3.47 13.61 -9.64
C VAL A 92 -4.17 14.83 -10.24
N ASN A 93 -3.39 15.88 -10.56
CA ASN A 93 -3.98 17.06 -11.17
C ASN A 93 -4.57 16.74 -12.54
N SER A 94 -3.85 15.95 -13.34
CA SER A 94 -4.36 15.60 -14.66
C SER A 94 -5.62 14.75 -14.57
N ILE A 95 -5.69 13.87 -13.57
CA ILE A 95 -6.87 13.04 -13.39
C ILE A 95 -8.05 13.88 -12.91
N CYS A 96 -7.78 14.83 -12.01
CA CYS A 96 -8.86 15.68 -11.51
C CYS A 96 -9.31 16.69 -12.55
N ASN A 97 -8.36 17.30 -13.28
CA ASN A 97 -8.69 18.29 -14.30
C ASN A 97 -9.30 17.67 -15.54
N THR A 98 -9.44 16.35 -15.61
CA THR A 98 -10.03 15.68 -16.75
C THR A 98 -11.39 15.06 -16.42
N THR A 99 -11.44 14.19 -15.41
CA THR A 99 -12.71 13.57 -15.04
C THR A 99 -13.62 14.53 -14.31
N GLY A 100 -13.05 15.48 -13.57
CA GLY A 100 -13.83 16.43 -12.80
C GLY A 100 -13.99 16.11 -11.33
N VAL A 101 -13.32 15.05 -10.84
CA VAL A 101 -13.43 14.70 -9.43
C VAL A 101 -12.66 15.71 -8.59
N GLU A 102 -12.95 15.69 -7.28
CA GLU A 102 -12.33 16.63 -6.37
C GLU A 102 -10.89 16.25 -6.08
N LYS A 103 -10.07 17.26 -5.86
CA LYS A 103 -8.66 17.05 -5.54
C LYS A 103 -8.53 16.51 -4.12
N PRO A 104 -7.96 15.32 -3.91
CA PRO A 104 -7.80 14.81 -2.55
C PRO A 104 -6.75 15.60 -1.78
N LYS A 105 -7.00 15.74 -0.48
CA LYS A 105 -6.08 16.48 0.37
C LYS A 105 -4.76 15.75 0.55
N PHE A 106 -4.78 14.42 0.50
CA PHE A 106 -3.60 13.60 0.67
C PHE A 106 -3.40 12.74 -0.56
N LEU A 107 -2.15 12.32 -0.78
CA LEU A 107 -1.81 11.54 -1.96
C LEU A 107 -2.44 10.16 -1.88
N PRO A 108 -3.30 9.78 -2.82
CA PRO A 108 -3.85 8.43 -2.83
C PRO A 108 -2.86 7.45 -3.46
N ASP A 109 -3.30 6.20 -3.59
CA ASP A 109 -2.46 5.14 -4.14
C ASP A 109 -2.75 4.84 -5.60
N LEU A 110 -4.02 4.76 -5.99
CA LEU A 110 -4.41 4.49 -7.37
C LEU A 110 -5.61 5.33 -7.73
N TYR A 111 -5.98 5.28 -9.01
CA TYR A 111 -7.21 5.85 -9.50
C TYR A 111 -7.91 4.83 -10.39
N ASP A 112 -9.21 4.67 -10.20
CA ASP A 112 -10.00 3.70 -10.95
C ASP A 112 -10.68 4.42 -12.11
N TYR A 113 -10.21 4.15 -13.34
CA TYR A 113 -10.87 4.70 -14.51
C TYR A 113 -12.22 4.04 -14.76
N LYS A 114 -12.47 2.87 -14.18
CA LYS A 114 -13.75 2.20 -14.34
C LYS A 114 -14.80 2.73 -13.37
N GLU A 115 -14.40 3.02 -12.13
CA GLU A 115 -15.32 3.50 -11.11
C GLU A 115 -15.22 5.01 -10.88
N ASN A 116 -14.24 5.67 -11.51
CA ASN A 116 -14.07 7.13 -11.41
C ASN A 116 -13.88 7.57 -9.96
N ARG A 117 -12.83 7.04 -9.33
CA ARG A 117 -12.53 7.38 -7.95
C ARG A 117 -11.09 6.99 -7.64
N PHE A 118 -10.51 7.68 -6.67
CA PHE A 118 -9.19 7.33 -6.17
C PHE A 118 -9.29 6.24 -5.12
N ILE A 119 -8.23 5.46 -4.98
CA ILE A 119 -8.18 4.33 -4.07
C ILE A 119 -7.02 4.52 -3.10
N GLU A 120 -7.29 4.35 -1.81
CA GLU A 120 -6.27 4.41 -0.76
C GLU A 120 -6.09 3.00 -0.22
N ILE A 121 -4.91 2.42 -0.46
CA ILE A 121 -4.62 1.04 -0.05
C ILE A 121 -3.95 1.06 1.31
N GLY A 122 -4.34 0.15 2.17
CA GLY A 122 -3.75 0.03 3.50
C GLY A 122 -3.43 -1.40 3.85
N VAL A 123 -2.27 -1.60 4.48
CA VAL A 123 -1.83 -2.89 4.98
C VAL A 123 -1.69 -2.79 6.49
N THR A 124 -2.17 -3.79 7.20
CA THR A 124 -2.44 -3.68 8.62
C THR A 124 -1.87 -4.88 9.38
N ARG A 125 -1.25 -4.60 10.53
CA ARG A 125 -0.85 -5.65 11.46
C ARG A 125 -1.86 -5.86 12.58
N ARG A 126 -2.66 -4.85 12.90
CA ARG A 126 -3.72 -4.97 13.89
C ARG A 126 -5.02 -5.42 13.24
N GLU A 127 -6.14 -4.79 13.61
CA GLU A 127 -7.44 -5.11 13.02
C GLU A 127 -7.74 -4.14 11.88
N VAL A 128 -8.41 -4.66 10.85
CA VAL A 128 -8.73 -3.84 9.67
C VAL A 128 -9.68 -2.71 10.03
N HIS A 129 -10.46 -2.87 11.10
CA HIS A 129 -11.42 -1.83 11.47
C HIS A 129 -10.71 -0.60 12.04
N ILE A 130 -9.63 -0.80 12.78
CA ILE A 130 -8.96 0.31 13.44
C ILE A 130 -8.27 1.22 12.42
N TYR A 131 -7.51 0.63 11.50
CA TYR A 131 -6.84 1.42 10.48
C TYR A 131 -7.84 2.19 9.63
N TYR A 132 -8.85 1.49 9.11
CA TYR A 132 -9.85 2.15 8.27
C TYR A 132 -10.48 3.34 8.99
N LEU A 133 -10.77 3.19 10.28
CA LEU A 133 -11.30 4.31 11.05
C LEU A 133 -10.32 5.48 11.07
N GLU A 134 -9.03 5.19 11.20
CA GLU A 134 -8.03 6.24 11.15
C GLU A 134 -7.80 6.73 9.73
N LYS A 135 -7.86 5.83 8.74
CA LYS A 135 -7.67 6.25 7.36
C LYS A 135 -8.86 7.08 6.87
N ALA A 136 -10.08 6.70 7.27
CA ALA A 136 -11.26 7.47 6.89
C ALA A 136 -11.34 8.79 7.65
N ASN A 137 -10.80 8.83 8.87
CA ASN A 137 -10.80 10.09 9.62
C ASN A 137 -9.81 11.09 9.03
N LYS A 138 -8.69 10.61 8.49
CA LYS A 138 -7.71 11.51 7.89
C LYS A 138 -8.22 12.03 6.54
N ILE A 139 -8.59 11.12 5.64
CA ILE A 139 -9.07 11.49 4.32
C ILE A 139 -10.41 12.19 4.44
N LYS A 140 -10.41 13.52 4.29
CA LYS A 140 -11.67 14.26 4.38
C LYS A 140 -12.51 14.09 3.11
N SER A 141 -11.85 13.90 1.96
CA SER A 141 -12.56 13.68 0.70
C SER A 141 -13.25 12.32 0.77
N GLU A 142 -14.56 12.33 1.03
CA GLU A 142 -15.31 11.09 1.16
C GLU A 142 -15.44 10.33 -0.15
N LYS A 143 -15.12 10.95 -1.29
CA LYS A 143 -15.24 10.26 -2.57
C LYS A 143 -14.12 9.25 -2.76
N THR A 144 -12.97 9.46 -2.13
CA THR A 144 -11.83 8.57 -2.29
C THR A 144 -12.13 7.21 -1.66
N HIS A 145 -12.08 6.15 -2.48
CA HIS A 145 -12.35 4.81 -1.98
C HIS A 145 -11.18 4.34 -1.11
N ILE A 146 -11.50 3.49 -0.14
CA ILE A 146 -10.52 2.98 0.82
C ILE A 146 -10.62 1.46 0.81
N HIS A 147 -9.46 0.80 0.76
CA HIS A 147 -9.38 -0.66 0.77
C HIS A 147 -8.23 -1.09 1.67
N ILE A 148 -8.55 -1.83 2.72
CA ILE A 148 -7.58 -2.25 3.73
C ILE A 148 -7.33 -3.74 3.59
N PHE A 149 -6.08 -4.14 3.84
CA PHE A 149 -5.70 -5.54 3.91
C PHE A 149 -4.94 -5.79 5.21
N SER A 150 -5.03 -7.02 5.72
CA SER A 150 -4.37 -7.39 6.95
C SER A 150 -3.47 -8.59 6.71
N PHE A 151 -2.50 -8.77 7.61
CA PHE A 151 -1.57 -9.89 7.52
C PHE A 151 -2.18 -11.21 7.94
N THR A 152 -3.42 -11.21 8.43
CA THR A 152 -4.10 -12.44 8.83
C THR A 152 -5.06 -12.96 7.77
N GLY A 153 -5.29 -12.21 6.70
CA GLY A 153 -6.20 -12.61 5.65
C GLY A 153 -7.52 -11.90 5.60
N GLU A 154 -7.67 -10.79 6.32
CA GLU A 154 -8.90 -10.02 6.35
C GLU A 154 -8.80 -8.83 5.41
N GLU A 155 -9.97 -8.33 5.01
CA GLU A 155 -10.03 -7.16 4.14
C GLU A 155 -11.36 -6.44 4.38
N MET A 156 -11.36 -5.14 4.08
CA MET A 156 -12.55 -4.33 4.23
C MET A 156 -12.41 -3.11 3.32
N ALA A 157 -13.53 -2.68 2.74
CA ALA A 157 -13.52 -1.61 1.76
C ALA A 157 -14.74 -0.73 1.94
N THR A 158 -14.68 0.45 1.32
CA THR A 158 -15.75 1.44 1.45
C THR A 158 -17.02 0.94 0.78
N LYS A 159 -18.15 1.02 1.48
CA LYS A 159 -19.46 0.60 0.98
C LYS A 159 -19.45 -0.86 0.53
N ALA A 160 -18.59 -1.68 1.14
CA ALA A 160 -18.45 -3.09 0.81
C ALA A 160 -18.14 -3.32 -0.67
N ASP A 161 -17.58 -2.32 -1.33
CA ASP A 161 -17.21 -2.41 -2.74
C ASP A 161 -15.71 -2.72 -2.81
N TYR A 162 -15.39 -3.99 -3.09
CA TYR A 162 -14.01 -4.46 -3.08
C TYR A 162 -13.34 -4.34 -4.44
N THR A 163 -13.96 -3.63 -5.39
CA THR A 163 -13.36 -3.27 -6.67
C THR A 163 -12.95 -4.49 -7.49
N LEU A 164 -11.87 -5.15 -7.11
CA LEU A 164 -11.37 -6.28 -7.89
C LEU A 164 -12.24 -7.51 -7.67
N ASP A 165 -12.01 -8.54 -8.50
CA ASP A 165 -12.69 -9.81 -8.32
C ASP A 165 -12.08 -10.57 -7.15
N GLU A 166 -12.74 -11.67 -6.78
CA GLU A 166 -12.35 -12.39 -5.57
C GLU A 166 -10.98 -13.02 -5.71
N GLU A 167 -10.63 -13.49 -6.90
CA GLU A 167 -9.37 -14.22 -7.08
C GLU A 167 -8.16 -13.29 -6.92
N SER A 168 -8.25 -12.07 -7.47
CA SER A 168 -7.13 -11.14 -7.36
C SER A 168 -6.92 -10.70 -5.92
N ARG A 169 -8.02 -10.47 -5.19
CA ARG A 169 -7.89 -10.08 -3.79
C ARG A 169 -7.35 -11.23 -2.94
N ALA A 170 -7.75 -12.47 -3.25
CA ALA A 170 -7.27 -13.62 -2.50
C ALA A 170 -5.77 -13.81 -2.69
N ARG A 171 -5.25 -13.53 -3.89
CA ARG A 171 -3.82 -13.62 -4.12
C ARG A 171 -3.06 -12.59 -3.30
N ILE A 172 -3.68 -11.44 -3.02
CA ILE A 172 -3.00 -10.41 -2.22
C ILE A 172 -2.85 -10.87 -0.78
N LYS A 173 -3.94 -11.35 -0.18
CA LYS A 173 -3.88 -11.78 1.22
C LYS A 173 -3.02 -13.02 1.39
N THR A 174 -2.95 -13.88 0.37
CA THR A 174 -2.08 -15.05 0.44
C THR A 174 -0.61 -14.63 0.50
N ARG A 175 -0.22 -13.66 -0.33
CA ARG A 175 1.14 -13.15 -0.27
C ARG A 175 1.42 -12.47 1.07
N LEU A 176 0.41 -11.82 1.64
CA LEU A 176 0.60 -11.15 2.93
C LEU A 176 0.88 -12.15 4.03
N PHE A 177 0.20 -13.30 4.02
CA PHE A 177 0.45 -14.30 5.05
C PHE A 177 1.77 -15.02 4.83
N THR A 178 2.24 -15.08 3.59
CA THR A 178 3.55 -15.66 3.32
C THR A 178 4.66 -14.78 3.88
N ILE A 179 4.53 -13.46 3.73
CA ILE A 179 5.50 -12.53 4.32
C ILE A 179 5.49 -12.65 5.84
N ARG A 180 4.31 -12.84 6.43
CA ARG A 180 4.19 -12.99 7.87
C ARG A 180 4.87 -14.28 8.34
N GLN A 181 4.74 -15.35 7.56
CA GLN A 181 5.36 -16.61 7.93
C GLN A 181 6.88 -16.54 7.84
N GLU A 182 7.40 -15.97 6.74
CA GLU A 182 8.84 -15.84 6.58
C GLU A 182 9.44 -14.93 7.64
N MET A 183 8.66 -13.96 8.13
CA MET A 183 9.15 -13.09 9.19
C MET A 183 9.24 -13.83 10.52
N ALA A 184 8.18 -14.56 10.88
CA ALA A 184 8.20 -15.32 12.13
C ALA A 184 9.16 -16.50 12.06
N SER A 185 9.44 -17.00 10.85
CA SER A 185 10.40 -18.09 10.70
C SER A 185 11.80 -17.68 11.17
N ARG A 186 12.17 -16.43 10.88
CA ARG A 186 13.45 -15.89 11.33
C ARG A 186 13.29 -15.00 12.57
N SER A 187 12.09 -14.96 13.15
CA SER A 187 11.83 -14.28 14.42
C SER A 187 11.93 -12.75 14.30
N LEU A 188 11.42 -12.19 13.20
CA LEU A 188 11.25 -10.75 13.08
C LEU A 188 9.80 -10.31 13.18
N TRP A 189 8.86 -11.25 13.29
CA TRP A 189 7.45 -10.89 13.25
C TRP A 189 7.00 -10.17 14.51
N ASP A 190 7.48 -10.63 15.67
CA ASP A 190 7.05 -10.04 16.94
C ASP A 190 7.43 -8.57 17.02
N SER A 191 8.66 -8.23 16.62
CA SER A 191 9.05 -6.82 16.59
C SER A 191 8.33 -6.07 15.48
N PHE A 192 7.96 -6.75 14.40
CA PHE A 192 7.28 -6.08 13.30
C PHE A 192 5.83 -5.78 13.64
N ARG A 193 5.16 -6.69 14.35
CA ARG A 193 3.75 -6.47 14.69
C ARG A 193 3.61 -5.34 15.70
N GLN A 194 4.34 -5.40 16.82
CA GLN A 194 4.29 -4.37 17.84
C GLN A 194 5.20 -3.20 17.46
N SER A 195 4.85 -2.55 16.35
CA SER A 195 5.64 -1.44 15.84
C SER A 195 4.80 -0.52 14.96
N GLU A 196 3.61 -0.97 14.58
CA GLU A 196 2.73 -0.16 13.74
C GLU A 196 2.20 1.06 14.50
MN MN B . -1.83 3.43 1.02
MN MN C . 0.23 5.92 -0.82
S SO4 D . -12.34 -5.63 -14.37
O1 SO4 D . -12.18 -6.04 -12.97
O2 SO4 D . -13.74 -5.28 -14.61
O3 SO4 D . -11.51 -4.47 -14.65
O4 SO4 D . -11.95 -6.73 -15.24
S SO4 E . -16.85 -10.49 -4.24
O1 SO4 E . -16.95 -9.18 -3.61
O2 SO4 E . -18.19 -11.08 -4.35
O3 SO4 E . -16.28 -10.34 -5.58
O4 SO4 E . -16.00 -11.36 -3.45
S SO4 F . 11.29 0.73 13.37
O1 SO4 F . 10.09 0.16 14.00
O2 SO4 F . 10.93 1.32 12.08
O3 SO4 F . 11.84 1.76 14.25
O4 SO4 F . 12.28 -0.32 13.17
C11 QQ4 G . 5.61 -6.31 -15.49
C10 QQ4 G . 5.58 1.66 -15.40
C01 QQ4 G . 5.12 -6.20 -14.05
C02 QQ4 G . 5.76 -4.98 -13.40
C03 QQ4 G . 4.77 -4.24 -12.50
C04 QQ4 G . 5.42 -2.93 -12.04
C05 QQ4 G . 4.55 -1.70 -12.36
C06 QQ4 G . 5.27 -0.45 -11.83
C07 QQ4 G . 5.40 0.71 -12.80
C08 QQ4 G . 6.82 0.73 -13.40
C09 QQ4 G . 6.92 1.58 -14.67
C22 QQ4 G . 4.49 -8.42 -12.90
C23 QQ4 G . 6.79 -7.85 -12.91
C24 QQ4 G . 6.65 -9.20 -12.19
C25 QQ4 G . 5.30 -9.69 -12.65
C26 QQ4 G . 3.08 -5.48 -11.00
C27 QQ4 G . 3.24 -6.62 -10.00
C28 QQ4 G . 4.59 -6.36 -9.33
C29 QQ4 G . 5.37 -5.55 -10.36
C30 QQ4 G . 5.11 -1.85 -14.94
C31 QQ4 G . 4.29 -1.70 -16.20
C32 QQ4 G . 3.06 -0.95 -15.75
C33 QQ4 G . 2.86 -1.40 -14.31
C34 QQ4 G . 6.00 2.36 -10.85
C35 QQ4 G . 5.16 3.46 -10.19
C36 QQ4 G . 4.37 4.07 -11.30
C37 QQ4 G . 4.21 2.99 -12.32
C38 QQ4 G . 6.64 4.15 -14.53
C39 QQ4 G . 8.72 3.24 -13.82
C40 QQ4 G . 8.80 4.74 -13.65
C41 QQ4 G . 7.69 5.27 -14.54
N03 QQ4 G . 5.45 -7.42 -13.33
N04 QQ4 G . 4.43 -5.05 -11.35
N05 QQ4 G . 4.22 -1.64 -13.78
N06 QQ4 G . 5.21 1.94 -12.05
N07 QQ4 G . 7.40 2.91 -14.36
O02 QQ4 G . 7.81 -7.29 -13.09
O03 QQ4 G . 6.54 -5.39 -10.35
O04 QQ4 G . 6.28 -2.08 -14.89
O06 QQ4 G . 3.42 2.97 -13.20
O07 QQ4 G . 9.58 2.47 -13.57
C14 09Y H . -0.06 3.71 3.20
C19 09Y H . 2.75 4.50 5.84
C20 09Y H . 3.88 3.70 5.84
C01 09Y H . 6.06 7.99 6.17
C03 09Y H . 6.11 8.16 3.83
C04 09Y H . 5.47 8.78 2.77
C05 09Y H . 5.36 8.15 1.54
C06 09Y H . 4.64 8.81 0.38
C07 09Y H . 3.13 8.59 0.43
C09 09Y H . 1.60 6.82 1.35
C11 09Y H . 1.32 5.74 2.39
C12 09Y H . 0.21 4.77 2.18
C17 09Y H . 1.89 4.60 4.58
C21 09Y H . 4.67 3.61 6.97
C22 09Y H . 4.33 4.33 8.11
C23 09Y H . 3.20 5.13 8.11
C24 09Y H . 2.41 5.22 6.98
C25 09Y H . 1.17 6.10 6.98
C26 09Y H . 5.91 6.88 1.44
C27 09Y H . 6.55 6.31 2.53
N08 09Y H . 2.84 7.57 1.41
N16 09Y H . 0.78 3.63 4.39
N18 09Y H . 2.15 5.65 3.57
N28 09Y H . 6.64 6.95 3.68
O02 09Y H . 6.21 8.83 5.05
O10 09Y H . 0.82 7.04 0.49
O13 09Y H . -0.59 4.86 1.04
O15 09Y H . -0.94 2.95 3.04
S SO4 I . -0.36 9.49 -16.91
O1 SO4 I . -1.45 9.40 -15.95
O2 SO4 I . -0.78 8.90 -18.18
O3 SO4 I . 0.80 8.76 -16.40
O4 SO4 I . -0.01 10.88 -17.12
#